data_3GRR
#
_entry.id   3GRR
#
_cell.length_a   40.385
_cell.length_b   66.299
_cell.length_c   62.061
_cell.angle_alpha   90.00
_cell.angle_beta   107.76
_cell.angle_gamma   90.00
#
_symmetry.space_group_name_H-M   'P 1 21 1'
#
loop_
_entity.id
_entity.type
_entity.pdbx_description
1 polymer 'Dimethyladenosine transferase'
2 non-polymer S-ADENOSYL-L-HOMOCYSTEINE
3 water water
#
_entity_poly.entity_id   1
_entity_poly.type   'polypeptide(L)'
_entity_poly.pdbx_seq_one_letter_code
;MGSSHHHHHHSSGLVPRGSHMFKPKKKLGQCFLIDKNFVNKAVESANLTKDDVVLEIGLGKGILTEELAKNAKKVYVIEI
DKSLEPYANKLKELYNNIEIIWGDALKVDLNKLDFNKVVANLPYQISSPITFKLIKRGFDLAVLMYQYEFAKRMVAAAGT
KDYGRLSVAVQSRADVEIVAKVPPSAFYPKPKVYSAIVKIKPNKGKYHIENENFFDDFLRAIFQHRNKSVRKALIDSSKE
LNYNKDEMKKILEDFLNTNSEIKNLINEKVFKLSVKDIVNLSNEFYRFLQNRGRL
;
_entity_poly.pdbx_strand_id   A
#
# COMPACT_ATOMS: atom_id res chain seq x y z
N GLN A 30 0.95 -17.66 -13.61
CA GLN A 30 0.02 -17.13 -12.56
C GLN A 30 -0.37 -18.24 -11.58
N CYS A 31 -0.17 -17.97 -10.29
CA CYS A 31 -0.48 -18.93 -9.23
C CYS A 31 -1.87 -18.67 -8.69
N PHE A 32 -2.81 -19.54 -9.05
CA PHE A 32 -4.21 -19.36 -8.66
C PHE A 32 -4.46 -19.91 -7.27
N LEU A 33 -5.29 -19.22 -6.51
CA LEU A 33 -5.67 -19.65 -5.17
C LEU A 33 -6.73 -20.76 -5.27
N ILE A 34 -6.36 -21.97 -4.82
CA ILE A 34 -7.26 -23.12 -4.96
C ILE A 34 -7.88 -23.58 -3.63
N ASP A 35 -7.40 -23.02 -2.52
CA ASP A 35 -7.89 -23.41 -1.21
C ASP A 35 -8.99 -22.44 -0.78
N LYS A 36 -10.23 -22.94 -0.72
CA LYS A 36 -11.41 -22.14 -0.36
C LYS A 36 -11.34 -21.61 1.07
N ASN A 37 -10.57 -22.28 1.93
CA ASN A 37 -10.39 -21.79 3.29
C ASN A 37 -9.71 -20.43 3.35
N PHE A 38 -8.74 -20.20 2.46
CA PHE A 38 -8.12 -18.88 2.36
C PHE A 38 -8.97 -17.85 1.63
N VAL A 39 -9.70 -18.28 0.60
CA VAL A 39 -10.74 -17.43 0.01
C VAL A 39 -11.71 -16.92 1.08
N ASN A 40 -12.22 -17.84 1.90
CA ASN A 40 -13.16 -17.50 2.96
C ASN A 40 -12.61 -16.49 3.95
N LYS A 41 -11.34 -16.68 4.32
CA LYS A 41 -10.66 -15.79 5.28
C LYS A 41 -10.56 -14.36 4.75
N ALA A 42 -10.19 -14.23 3.48
CA ALA A 42 -10.11 -12.93 2.84
C ALA A 42 -11.46 -12.27 2.75
N VAL A 43 -12.48 -13.01 2.33
CA VAL A 43 -13.84 -12.48 2.18
C VAL A 43 -14.43 -12.07 3.55
N GLU A 44 -14.32 -12.94 4.53
CA GLU A 44 -14.77 -12.63 5.90
C GLU A 44 -14.14 -11.35 6.45
N SER A 45 -12.84 -11.18 6.21
CA SER A 45 -12.08 -10.02 6.66
C SER A 45 -12.53 -8.73 5.96
N ALA A 46 -13.10 -8.88 4.75
CA ALA A 46 -13.60 -7.74 3.98
C ALA A 46 -14.94 -7.20 4.50
N ASN A 47 -15.54 -7.91 5.46
CA ASN A 47 -16.80 -7.49 6.10
C ASN A 47 -17.87 -7.02 5.11
N LEU A 48 -18.12 -7.84 4.10
CA LEU A 48 -19.01 -7.47 2.99
C LEU A 48 -20.49 -7.48 3.32
N THR A 49 -21.22 -6.53 2.72
CA THR A 49 -22.68 -6.52 2.74
C THR A 49 -23.21 -6.21 1.34
N LYS A 50 -24.52 -6.33 1.16
CA LYS A 50 -25.11 -6.07 -0.14
C LYS A 50 -25.13 -4.57 -0.51
N ASP A 51 -24.54 -3.72 0.32
CA ASP A 51 -24.37 -2.31 -0.03
C ASP A 51 -22.93 -1.99 -0.49
N ASP A 52 -22.02 -2.95 -0.35
CA ASP A 52 -20.63 -2.79 -0.78
C ASP A 52 -20.45 -3.09 -2.27
N VAL A 53 -19.58 -2.33 -2.93
CA VAL A 53 -19.21 -2.59 -4.32
C VAL A 53 -17.71 -2.88 -4.31
N VAL A 54 -17.33 -4.06 -4.81
CA VAL A 54 -15.98 -4.56 -4.66
C VAL A 54 -15.24 -4.50 -6.01
N LEU A 55 -14.01 -4.00 -5.96
CA LEU A 55 -13.07 -4.11 -7.07
C LEU A 55 -12.14 -5.30 -6.83
N GLU A 56 -12.09 -6.21 -7.80
CA GLU A 56 -11.12 -7.28 -7.76
C GLU A 56 -10.09 -7.08 -8.86
N ILE A 57 -8.82 -7.28 -8.53
CA ILE A 57 -7.74 -7.28 -9.53
C ILE A 57 -7.40 -8.71 -9.85
N GLY A 58 -7.63 -9.11 -11.11
CA GLY A 58 -7.33 -10.46 -11.55
C GLY A 58 -8.48 -11.41 -11.33
N LEU A 59 -8.81 -12.19 -12.36
CA LEU A 59 -9.93 -13.12 -12.32
C LEU A 59 -9.56 -14.53 -11.82
N GLY A 60 -8.44 -15.06 -12.33
CA GLY A 60 -8.09 -16.48 -12.15
C GLY A 60 -9.20 -17.41 -12.62
N LYS A 61 -9.46 -18.45 -11.85
CA LYS A 61 -10.58 -19.36 -12.09
C LYS A 61 -11.91 -18.77 -11.62
N GLY A 62 -11.86 -17.64 -10.92
CA GLY A 62 -13.07 -16.96 -10.46
C GLY A 62 -13.63 -17.51 -9.15
N ILE A 63 -12.78 -18.22 -8.41
CA ILE A 63 -13.19 -18.81 -7.12
C ILE A 63 -13.46 -17.71 -6.06
N LEU A 64 -12.53 -16.76 -5.95
CA LEU A 64 -12.72 -15.55 -5.17
C LEU A 64 -13.84 -14.68 -5.73
N THR A 65 -13.88 -14.53 -7.06
CA THR A 65 -14.87 -13.70 -7.72
C THR A 65 -16.29 -14.12 -7.33
N GLU A 66 -16.51 -15.43 -7.31
CA GLU A 66 -17.83 -15.99 -7.03
C GLU A 66 -18.28 -15.62 -5.62
N GLU A 67 -17.34 -15.69 -4.66
CA GLU A 67 -17.65 -15.40 -3.27
C GLU A 67 -17.96 -13.93 -3.08
N LEU A 68 -17.23 -13.08 -3.80
CA LEU A 68 -17.50 -11.65 -3.78
C LEU A 68 -18.88 -11.36 -4.37
N ALA A 69 -19.20 -12.04 -5.48
CA ALA A 69 -20.48 -11.86 -6.17
C ALA A 69 -21.66 -12.24 -5.27
N LYS A 70 -21.52 -13.36 -4.57
CA LYS A 70 -22.51 -13.80 -3.60
C LYS A 70 -22.79 -12.75 -2.53
N ASN A 71 -21.77 -12.03 -2.10
CA ASN A 71 -21.89 -11.25 -0.87
C ASN A 71 -22.00 -9.74 -1.02
N ALA A 72 -21.53 -9.23 -2.16
CA ALA A 72 -21.49 -7.80 -2.38
C ALA A 72 -22.60 -7.36 -3.33
N LYS A 73 -22.88 -6.07 -3.36
CA LYS A 73 -23.82 -5.53 -4.34
C LYS A 73 -23.38 -5.85 -5.75
N LYS A 74 -22.10 -5.66 -6.04
CA LYS A 74 -21.57 -5.78 -7.39
C LYS A 74 -20.07 -5.91 -7.32
N VAL A 75 -19.49 -6.63 -8.26
CA VAL A 75 -18.04 -6.81 -8.34
C VAL A 75 -17.52 -6.42 -9.73
N TYR A 76 -16.49 -5.58 -9.76
CA TYR A 76 -15.73 -5.30 -10.97
C TYR A 76 -14.48 -6.14 -10.90
N VAL A 77 -14.15 -6.79 -12.00
CA VAL A 77 -12.92 -7.56 -12.11
C VAL A 77 -12.08 -6.96 -13.24
N ILE A 78 -10.88 -6.48 -12.89
CA ILE A 78 -9.90 -6.08 -13.89
C ILE A 78 -8.99 -7.27 -14.17
N GLU A 79 -9.01 -7.73 -15.41
CA GLU A 79 -8.22 -8.90 -15.84
C GLU A 79 -7.52 -8.60 -17.17
N ILE A 80 -6.21 -8.85 -17.20
CA ILE A 80 -5.36 -8.57 -18.36
C ILE A 80 -5.38 -9.68 -19.43
N ASP A 81 -5.73 -10.90 -19.02
CA ASP A 81 -5.61 -12.08 -19.91
C ASP A 81 -6.95 -12.52 -20.48
N LYS A 82 -7.19 -12.18 -21.74
CA LYS A 82 -8.46 -12.48 -22.39
C LYS A 82 -8.76 -13.97 -22.59
N SER A 83 -7.72 -14.82 -22.51
CA SER A 83 -7.90 -16.28 -22.62
C SER A 83 -8.80 -16.83 -21.51
N LEU A 84 -8.90 -16.08 -20.42
CA LEU A 84 -9.70 -16.48 -19.27
C LEU A 84 -11.19 -16.17 -19.44
N GLU A 85 -11.57 -15.66 -20.61
CA GLU A 85 -12.98 -15.38 -20.91
C GLU A 85 -13.96 -16.52 -20.55
N PRO A 86 -13.66 -17.78 -20.95
CA PRO A 86 -14.53 -18.90 -20.54
C PRO A 86 -14.94 -18.90 -19.07
N TYR A 87 -14.03 -18.57 -18.15
CA TYR A 87 -14.38 -18.45 -16.73
C TYR A 87 -15.33 -17.28 -16.48
N ALA A 88 -15.04 -16.14 -17.11
CA ALA A 88 -15.87 -14.94 -17.02
C ALA A 88 -17.29 -15.20 -17.55
N ASN A 89 -17.38 -15.71 -18.78
CA ASN A 89 -18.65 -16.03 -19.41
C ASN A 89 -19.54 -16.95 -18.57
N LYS A 90 -18.94 -18.01 -18.02
CA LYS A 90 -19.62 -18.97 -17.17
C LYS A 90 -20.10 -18.34 -15.86
N LEU A 91 -19.35 -17.36 -15.35
CA LEU A 91 -19.72 -16.67 -14.11
C LEU A 91 -20.94 -15.79 -14.27
N LYS A 92 -21.00 -15.06 -15.38
CA LYS A 92 -22.12 -14.16 -15.69
C LYS A 92 -23.43 -14.91 -15.95
N GLU A 93 -23.33 -16.22 -16.19
CA GLU A 93 -24.51 -17.08 -16.35
C GLU A 93 -25.15 -17.44 -15.00
N LEU A 94 -24.37 -17.31 -13.93
CA LEU A 94 -24.84 -17.65 -12.59
C LEU A 94 -25.09 -16.39 -11.78
N TYR A 95 -24.29 -15.34 -12.05
CA TYR A 95 -24.39 -14.09 -11.31
C TYR A 95 -24.60 -12.91 -12.24
N ASN A 96 -25.58 -12.07 -11.93
CA ASN A 96 -25.87 -10.91 -12.76
C ASN A 96 -25.13 -9.63 -12.34
N ASN A 97 -24.34 -9.72 -11.26
CA ASN A 97 -23.68 -8.56 -10.65
C ASN A 97 -22.15 -8.54 -10.79
N ILE A 98 -21.66 -9.16 -11.87
CA ILE A 98 -20.23 -9.16 -12.17
C ILE A 98 -19.97 -8.37 -13.45
N GLU A 99 -19.04 -7.42 -13.40
CA GLU A 99 -18.59 -6.74 -14.62
C GLU A 99 -17.10 -6.96 -14.81
N ILE A 100 -16.71 -7.45 -15.98
CA ILE A 100 -15.29 -7.64 -16.27
C ILE A 100 -14.79 -6.45 -17.07
N ILE A 101 -13.62 -5.95 -16.66
CA ILE A 101 -12.89 -4.93 -17.40
C ILE A 101 -11.61 -5.61 -17.88
N TRP A 102 -11.52 -5.82 -19.18
CA TRP A 102 -10.33 -6.44 -19.75
C TRP A 102 -9.24 -5.38 -19.93
N GLY A 103 -8.13 -5.55 -19.22
CA GLY A 103 -7.02 -4.63 -19.32
C GLY A 103 -6.05 -4.77 -18.18
N ASP A 104 -5.06 -3.88 -18.17
CA ASP A 104 -3.97 -3.88 -17.21
C ASP A 104 -4.37 -2.94 -16.07
N ALA A 105 -4.45 -3.47 -14.85
CA ALA A 105 -4.91 -2.70 -13.70
C ALA A 105 -4.04 -1.48 -13.38
N LEU A 106 -2.79 -1.51 -13.83
CA LEU A 106 -1.88 -0.37 -13.67
C LEU A 106 -2.19 0.75 -14.65
N LYS A 107 -2.97 0.45 -15.68
CA LYS A 107 -3.29 1.40 -16.75
C LYS A 107 -4.72 1.96 -16.63
N VAL A 108 -5.62 1.17 -16.04
CA VAL A 108 -7.04 1.53 -15.93
C VAL A 108 -7.27 2.75 -15.04
N ASP A 109 -8.10 3.67 -15.52
CA ASP A 109 -8.42 4.87 -14.77
C ASP A 109 -9.44 4.54 -13.70
N LEU A 110 -8.96 4.26 -12.49
CA LEU A 110 -9.81 3.90 -11.37
C LEU A 110 -10.82 4.97 -10.96
N ASN A 111 -10.50 6.23 -11.28
CA ASN A 111 -11.40 7.35 -10.98
C ASN A 111 -12.78 7.19 -11.62
N LYS A 112 -12.82 6.46 -12.73
CA LYS A 112 -14.05 6.23 -13.50
C LYS A 112 -14.89 5.06 -12.97
N LEU A 113 -14.40 4.41 -11.92
CA LEU A 113 -15.13 3.29 -11.32
C LEU A 113 -15.66 3.66 -9.94
N ASP A 114 -16.86 3.19 -9.63
CA ASP A 114 -17.43 3.47 -8.32
C ASP A 114 -17.48 2.17 -7.53
N PHE A 115 -16.66 2.13 -6.49
CA PHE A 115 -16.53 0.96 -5.62
C PHE A 115 -16.10 1.50 -4.27
N ASN A 116 -16.33 0.73 -3.21
CA ASN A 116 -15.87 1.13 -1.90
C ASN A 116 -14.87 0.17 -1.25
N LYS A 117 -14.67 -1.01 -1.86
CA LYS A 117 -13.81 -2.01 -1.26
C LYS A 117 -13.02 -2.72 -2.35
N VAL A 118 -11.84 -3.22 -1.98
CA VAL A 118 -10.98 -3.96 -2.91
C VAL A 118 -10.61 -5.30 -2.27
N VAL A 119 -10.85 -6.38 -2.99
CA VAL A 119 -10.48 -7.72 -2.51
C VAL A 119 -9.83 -8.46 -3.66
N ALA A 120 -8.60 -8.91 -3.46
CA ALA A 120 -7.82 -9.49 -4.55
C ALA A 120 -6.65 -10.35 -4.12
N ASN A 121 -6.41 -11.39 -4.91
CA ASN A 121 -5.17 -12.14 -4.91
C ASN A 121 -4.28 -11.49 -5.99
N LEU A 122 -3.47 -10.53 -5.55
CA LEU A 122 -2.71 -9.68 -6.48
C LEU A 122 -1.62 -10.43 -7.24
N PRO A 123 -1.41 -10.07 -8.53
CA PRO A 123 -0.18 -10.47 -9.22
C PRO A 123 0.99 -9.81 -8.50
N TYR A 124 1.90 -10.61 -7.95
CA TYR A 124 2.89 -10.06 -7.01
C TYR A 124 3.82 -9.02 -7.64
N GLN A 125 4.07 -9.16 -8.94
CA GLN A 125 4.92 -8.21 -9.66
C GLN A 125 4.39 -6.76 -9.65
N ILE A 126 3.07 -6.59 -9.46
CA ILE A 126 2.47 -5.24 -9.41
C ILE A 126 2.21 -4.69 -8.01
N SER A 127 2.65 -5.43 -6.98
CA SER A 127 2.33 -5.14 -5.59
C SER A 127 2.47 -3.68 -5.15
N SER A 128 3.63 -3.10 -5.41
CA SER A 128 3.90 -1.75 -4.95
C SER A 128 3.09 -0.68 -5.70
N PRO A 129 3.23 -0.59 -7.05
CA PRO A 129 2.48 0.44 -7.78
C PRO A 129 0.96 0.34 -7.60
N ILE A 130 0.40 -0.87 -7.62
CA ILE A 130 -1.05 -1.06 -7.44
C ILE A 130 -1.50 -0.59 -6.05
N THR A 131 -0.71 -0.90 -5.02
CA THR A 131 -1.08 -0.51 -3.66
C THR A 131 -1.26 1.00 -3.52
N PHE A 132 -0.29 1.76 -4.01
CA PHE A 132 -0.41 3.22 -3.91
C PHE A 132 -1.44 3.80 -4.87
N LYS A 133 -1.58 3.22 -6.06
CA LYS A 133 -2.64 3.63 -7.00
C LYS A 133 -4.03 3.43 -6.37
N LEU A 134 -4.23 2.32 -5.68
CA LEU A 134 -5.49 2.06 -4.99
C LEU A 134 -5.69 3.03 -3.83
N ILE A 135 -4.66 3.16 -2.97
CA ILE A 135 -4.73 4.13 -1.84
C ILE A 135 -5.00 5.55 -2.33
N LYS A 136 -4.36 5.95 -3.42
CA LYS A 136 -4.62 7.28 -4.01
C LYS A 136 -6.08 7.45 -4.40
N ARG A 137 -6.63 6.44 -5.09
CA ARG A 137 -8.03 6.45 -5.50
C ARG A 137 -8.94 6.47 -4.28
N GLY A 138 -8.60 5.70 -3.27
CA GLY A 138 -9.36 5.69 -2.03
C GLY A 138 -10.30 4.50 -2.00
N PHE A 139 -10.61 4.05 -0.79
CA PHE A 139 -11.52 2.94 -0.53
C PHE A 139 -11.82 2.84 0.99
N ASP A 140 -12.93 2.21 1.36
CA ASP A 140 -13.25 1.97 2.76
C ASP A 140 -12.32 0.93 3.39
N LEU A 141 -12.06 -0.14 2.64
CA LEU A 141 -11.31 -1.27 3.16
C LEU A 141 -10.78 -2.08 2.00
N ALA A 142 -9.55 -2.59 2.12
CA ALA A 142 -9.00 -3.51 1.13
C ALA A 142 -8.50 -4.74 1.82
N VAL A 143 -8.70 -5.88 1.19
CA VAL A 143 -8.13 -7.14 1.68
C VAL A 143 -7.37 -7.79 0.51
N LEU A 144 -6.04 -7.82 0.62
CA LEU A 144 -5.18 -8.10 -0.54
C LEU A 144 -4.12 -9.15 -0.21
N MET A 145 -3.91 -10.07 -1.14
CA MET A 145 -2.85 -11.06 -1.03
C MET A 145 -1.53 -10.52 -1.58
N TYR A 146 -0.47 -10.63 -0.78
CA TYR A 146 0.88 -10.24 -1.19
C TYR A 146 1.83 -11.40 -0.95
N GLN A 147 3.04 -11.31 -1.49
CA GLN A 147 4.12 -12.17 -1.00
C GLN A 147 4.37 -11.85 0.48
N TYR A 148 4.72 -12.88 1.25
CA TYR A 148 4.84 -12.72 2.71
C TYR A 148 5.87 -11.66 3.13
N GLU A 149 7.06 -11.71 2.52
CA GLU A 149 8.11 -10.71 2.81
C GLU A 149 7.65 -9.27 2.56
N PHE A 150 6.96 -9.03 1.45
CA PHE A 150 6.37 -7.72 1.14
C PHE A 150 5.38 -7.28 2.22
N ALA A 151 4.48 -8.20 2.58
CA ALA A 151 3.51 -7.94 3.65
C ALA A 151 4.18 -7.62 4.98
N LYS A 152 5.25 -8.34 5.32
CA LYS A 152 5.98 -8.10 6.57
C LYS A 152 6.59 -6.68 6.62
N ARG A 153 7.11 -6.24 5.48
CA ARG A 153 7.62 -4.88 5.33
C ARG A 153 6.51 -3.85 5.47
N MET A 154 5.35 -4.12 4.86
CA MET A 154 4.20 -3.22 4.94
C MET A 154 3.78 -2.94 6.38
N VAL A 155 3.78 -3.98 7.22
CA VAL A 155 3.24 -3.84 8.59
C VAL A 155 4.32 -3.68 9.67
N ALA A 156 5.59 -3.67 9.27
CA ALA A 156 6.74 -3.63 10.19
C ALA A 156 6.63 -2.47 11.19
N ALA A 157 6.95 -2.75 12.44
CA ALA A 157 6.93 -1.72 13.48
C ALA A 157 8.20 -0.88 13.39
N ALA A 158 8.10 0.41 13.70
CA ALA A 158 9.27 1.29 13.76
C ALA A 158 10.47 0.69 14.53
N GLY A 159 11.69 0.91 14.01
CA GLY A 159 12.91 0.51 14.74
C GLY A 159 13.25 -0.97 14.63
N THR A 160 12.54 -1.67 13.76
CA THR A 160 12.78 -3.10 13.55
C THR A 160 13.39 -3.36 12.16
N LYS A 161 13.90 -4.57 11.98
CA LYS A 161 14.72 -4.89 10.80
C LYS A 161 14.00 -4.80 9.44
N ASP A 162 12.69 -5.03 9.42
CA ASP A 162 11.89 -4.93 8.19
C ASP A 162 11.25 -3.56 7.97
N TYR A 163 11.42 -2.66 8.95
CA TYR A 163 10.89 -1.28 8.86
C TYR A 163 11.66 -0.45 7.83
N GLY A 164 10.90 0.15 6.92
CA GLY A 164 11.49 0.91 5.83
C GLY A 164 10.53 1.83 5.13
N ARG A 165 10.97 2.36 3.99
CA ARG A 165 10.17 3.32 3.23
C ARG A 165 8.74 2.79 2.96
N LEU A 166 8.63 1.53 2.56
CA LEU A 166 7.32 0.97 2.25
C LEU A 166 6.42 0.97 3.48
N SER A 167 6.97 0.53 4.62
CA SER A 167 6.24 0.55 5.89
C SER A 167 5.66 1.94 6.16
N VAL A 168 6.51 2.96 6.06
CA VAL A 168 6.07 4.34 6.37
C VAL A 168 5.09 4.88 5.33
N ALA A 169 5.36 4.63 4.05
CA ALA A 169 4.49 5.10 2.97
C ALA A 169 3.08 4.53 3.09
N VAL A 170 2.98 3.28 3.53
CA VAL A 170 1.67 2.64 3.73
C VAL A 170 1.04 3.05 5.06
N GLN A 171 1.78 2.92 6.16
CA GLN A 171 1.20 3.15 7.49
C GLN A 171 0.81 4.61 7.76
N SER A 172 1.47 5.55 7.09
CA SER A 172 1.13 6.97 7.17
C SER A 172 -0.23 7.31 6.53
N ARG A 173 -0.74 6.38 5.73
CA ARG A 173 -1.97 6.59 4.96
C ARG A 173 -3.09 5.61 5.34
N ALA A 174 -2.75 4.58 6.11
CA ALA A 174 -3.72 3.50 6.40
C ALA A 174 -3.27 2.63 7.57
N ASP A 175 -4.24 2.02 8.25
CA ASP A 175 -3.96 0.97 9.21
C ASP A 175 -3.86 -0.37 8.49
N VAL A 176 -2.75 -1.06 8.70
CA VAL A 176 -2.48 -2.31 7.98
C VAL A 176 -2.15 -3.43 8.95
N GLU A 177 -2.61 -4.64 8.64
CA GLU A 177 -2.31 -5.83 9.43
C GLU A 177 -2.37 -7.09 8.59
N ILE A 178 -1.55 -8.07 8.95
CA ILE A 178 -1.58 -9.37 8.31
C ILE A 178 -2.71 -10.18 8.95
N VAL A 179 -3.65 -10.63 8.13
CA VAL A 179 -4.79 -11.44 8.58
C VAL A 179 -4.42 -12.93 8.69
N ALA A 180 -3.56 -13.40 7.79
CA ALA A 180 -3.17 -14.80 7.75
C ALA A 180 -1.97 -15.00 6.84
N LYS A 181 -1.13 -15.96 7.21
CA LYS A 181 -0.03 -16.41 6.38
C LYS A 181 -0.59 -17.53 5.51
N VAL A 182 -0.22 -17.54 4.24
CA VAL A 182 -0.79 -18.47 3.26
C VAL A 182 0.30 -19.36 2.64
N PRO A 183 0.24 -20.70 2.90
CA PRO A 183 1.29 -21.58 2.39
C PRO A 183 1.19 -21.78 0.87
N PRO A 184 2.30 -22.17 0.23
CA PRO A 184 2.28 -22.51 -1.20
C PRO A 184 1.18 -23.51 -1.57
N SER A 185 0.95 -24.51 -0.71
CA SER A 185 -0.08 -25.55 -0.95
C SER A 185 -1.48 -24.99 -1.17
N ALA A 186 -1.71 -23.72 -0.82
CA ALA A 186 -3.00 -23.09 -1.05
C ALA A 186 -3.22 -22.70 -2.51
N PHE A 187 -2.18 -22.85 -3.34
CA PHE A 187 -2.20 -22.34 -4.71
C PHE A 187 -1.89 -23.44 -5.74
N TYR A 188 -2.35 -23.24 -6.97
CA TYR A 188 -1.86 -24.02 -8.10
C TYR A 188 -1.71 -23.15 -9.35
N PRO A 189 -0.51 -23.21 -9.99
CA PRO A 189 0.66 -23.93 -9.49
C PRO A 189 1.20 -23.31 -8.19
N LYS A 190 2.07 -24.03 -7.51
CA LYS A 190 2.57 -23.58 -6.21
C LYS A 190 3.66 -22.52 -6.35
N PRO A 191 3.56 -21.43 -5.56
CA PRO A 191 4.63 -20.43 -5.50
C PRO A 191 5.83 -20.99 -4.73
N LYS A 192 6.96 -20.29 -4.76
CA LYS A 192 8.15 -20.77 -4.06
C LYS A 192 8.18 -20.28 -2.61
N VAL A 193 7.46 -19.19 -2.34
CA VAL A 193 7.41 -18.59 -1.01
C VAL A 193 5.97 -18.48 -0.50
N TYR A 194 5.82 -18.17 0.79
CA TYR A 194 4.52 -17.89 1.40
C TYR A 194 3.94 -16.59 0.89
N SER A 195 2.62 -16.51 0.93
CA SER A 195 1.90 -15.27 0.74
C SER A 195 1.28 -14.83 2.05
N ALA A 196 0.63 -13.67 2.03
CA ALA A 196 -0.05 -13.16 3.21
C ALA A 196 -1.30 -12.41 2.78
N ILE A 197 -2.37 -12.58 3.54
CA ILE A 197 -3.55 -11.74 3.40
C ILE A 197 -3.33 -10.52 4.31
N VAL A 198 -3.45 -9.32 3.74
CA VAL A 198 -3.26 -8.05 4.46
C VAL A 198 -4.54 -7.23 4.37
N LYS A 199 -5.01 -6.75 5.52
CA LYS A 199 -6.13 -5.82 5.59
C LYS A 199 -5.65 -4.37 5.66
N ILE A 200 -6.21 -3.53 4.81
CA ILE A 200 -5.83 -2.12 4.72
C ILE A 200 -7.05 -1.23 4.93
N LYS A 201 -7.03 -0.40 5.97
CA LYS A 201 -8.11 0.56 6.21
C LYS A 201 -7.54 1.99 6.18
N PRO A 202 -7.81 2.73 5.09
CA PRO A 202 -7.26 4.09 4.96
C PRO A 202 -7.62 4.94 6.15
N ASN A 203 -6.71 5.85 6.51
CA ASN A 203 -6.86 6.67 7.70
C ASN A 203 -6.18 8.01 7.48
N LYS A 204 -6.93 8.95 6.90
CA LYS A 204 -6.43 10.28 6.56
C LYS A 204 -6.14 11.14 7.80
N GLY A 205 -7.04 11.07 8.78
CA GLY A 205 -6.97 11.92 9.97
C GLY A 205 -5.82 11.64 10.92
N LYS A 206 -5.49 10.35 11.12
CA LYS A 206 -4.50 9.95 12.10
C LYS A 206 -3.22 10.80 12.09
N TYR A 207 -2.63 10.97 10.90
CA TYR A 207 -1.30 11.60 10.79
C TYR A 207 -1.31 12.93 10.06
N HIS A 208 -2.16 13.06 9.05
CA HIS A 208 -2.35 14.32 8.31
C HIS A 208 -1.09 14.80 7.57
N ILE A 209 -0.88 14.27 6.37
CA ILE A 209 0.23 14.71 5.51
C ILE A 209 -0.10 16.08 4.90
N GLU A 210 0.77 17.05 5.15
CA GLU A 210 0.62 18.44 4.68
C GLU A 210 0.68 18.56 3.16
N ASN A 211 1.74 18.01 2.57
CA ASN A 211 1.94 18.01 1.13
C ASN A 211 2.46 16.65 0.68
N GLU A 212 1.64 15.95 -0.11
CA GLU A 212 1.92 14.58 -0.57
C GLU A 212 3.23 14.46 -1.34
N ASN A 213 3.41 15.30 -2.35
CA ASN A 213 4.65 15.35 -3.13
C ASN A 213 5.91 15.52 -2.29
N PHE A 214 5.91 16.52 -1.40
CA PHE A 214 7.07 16.74 -0.54
C PHE A 214 7.35 15.54 0.38
N PHE A 215 6.29 15.01 0.97
CA PHE A 215 6.38 13.85 1.86
C PHE A 215 7.02 12.66 1.14
N ASP A 216 6.56 12.39 -0.08
CA ASP A 216 7.14 11.34 -0.94
C ASP A 216 8.62 11.57 -1.22
N ASP A 217 8.99 12.83 -1.48
CA ASP A 217 10.40 13.18 -1.71
C ASP A 217 11.23 13.04 -0.44
N PHE A 218 10.64 13.45 0.68
CA PHE A 218 11.27 13.38 1.99
C PHE A 218 11.52 11.92 2.37
N LEU A 219 10.50 11.08 2.21
CA LEU A 219 10.65 9.63 2.47
C LEU A 219 11.72 9.00 1.62
N ARG A 220 11.73 9.30 0.32
N ARG A 220 11.74 9.35 0.33
CA ARG A 220 12.75 8.76 -0.57
CA ARG A 220 12.70 8.84 -0.64
C ARG A 220 14.14 9.14 -0.06
C ARG A 220 14.14 9.20 -0.25
N ALA A 221 14.34 10.43 0.22
CA ALA A 221 15.64 10.93 0.67
C ALA A 221 16.14 10.22 1.93
N ILE A 222 15.30 10.16 2.96
CA ILE A 222 15.76 9.64 4.26
C ILE A 222 16.02 8.13 4.23
N PHE A 223 15.15 7.37 3.56
CA PHE A 223 15.35 5.89 3.46
C PHE A 223 16.38 5.45 2.43
N GLN A 224 16.96 6.40 1.72
CA GLN A 224 18.16 6.08 0.95
C GLN A 224 19.37 5.84 1.86
N HIS A 225 19.20 6.15 3.15
CA HIS A 225 20.25 6.00 4.17
C HIS A 225 19.63 5.66 5.53
N ARG A 226 18.93 4.52 5.62
CA ARG A 226 18.08 4.21 6.78
C ARG A 226 18.83 4.03 8.12
N ASN A 227 20.12 3.68 8.06
CA ASN A 227 20.93 3.51 9.26
C ASN A 227 21.67 4.78 9.71
N LYS A 228 21.51 5.87 8.95
CA LYS A 228 22.12 7.16 9.31
C LYS A 228 21.11 8.01 10.05
N SER A 229 21.60 9.05 10.74
CA SER A 229 20.71 10.07 11.31
C SER A 229 19.90 10.70 10.18
N VAL A 230 18.71 11.20 10.51
CA VAL A 230 17.87 11.89 9.55
C VAL A 230 18.65 13.07 8.95
N ARG A 231 19.30 13.85 9.82
CA ARG A 231 20.17 14.96 9.41
C ARG A 231 21.19 14.54 8.32
N LYS A 232 21.96 13.50 8.60
CA LYS A 232 23.01 13.06 7.68
C LYS A 232 22.42 12.47 6.39
N ALA A 233 21.26 11.83 6.51
CA ALA A 233 20.53 11.27 5.35
C ALA A 233 20.06 12.39 4.42
N LEU A 234 19.49 13.44 5.00
CA LEU A 234 19.01 14.58 4.22
C LEU A 234 20.13 15.34 3.52
N ILE A 235 21.28 15.48 4.17
CA ILE A 235 22.45 16.09 3.52
C ILE A 235 22.95 15.20 2.38
N ASP A 236 23.12 13.90 2.62
CA ASP A 236 23.57 12.97 1.56
C ASP A 236 22.63 12.92 0.36
N SER A 237 21.33 12.95 0.60
CA SER A 237 20.32 12.86 -0.44
C SER A 237 19.69 14.20 -0.74
N SER A 238 20.43 15.29 -0.50
CA SER A 238 19.89 16.65 -0.62
C SER A 238 19.33 16.93 -2.02
N LYS A 239 19.97 16.37 -3.04
CA LYS A 239 19.48 16.56 -4.42
C LYS A 239 18.09 15.98 -4.68
N GLU A 240 17.65 15.02 -3.85
CA GLU A 240 16.28 14.48 -3.92
C GLU A 240 15.25 15.54 -3.53
N LEU A 241 15.69 16.52 -2.76
CA LEU A 241 14.83 17.63 -2.33
C LEU A 241 15.22 18.91 -3.06
N ASN A 242 16.09 18.75 -4.05
CA ASN A 242 16.56 19.83 -4.92
C ASN A 242 17.34 20.95 -4.21
N TYR A 243 18.18 20.55 -3.27
CA TYR A 243 19.14 21.44 -2.60
C TYR A 243 20.54 20.85 -2.77
N ASN A 244 21.57 21.69 -2.81
CA ASN A 244 22.94 21.15 -2.79
C ASN A 244 23.33 20.78 -1.36
N LYS A 245 24.41 20.03 -1.19
CA LYS A 245 24.78 19.54 0.15
C LYS A 245 25.13 20.65 1.15
N ASP A 246 25.73 21.74 0.66
CA ASP A 246 26.06 22.89 1.52
C ASP A 246 24.81 23.66 1.94
N GLU A 247 23.86 23.83 1.02
CA GLU A 247 22.57 24.46 1.31
C GLU A 247 21.81 23.67 2.35
N MET A 248 21.76 22.36 2.16
CA MET A 248 21.02 21.48 3.07
C MET A 248 21.59 21.53 4.48
N LYS A 249 22.91 21.48 4.59
CA LYS A 249 23.59 21.56 5.88
C LYS A 249 23.21 22.84 6.64
N LYS A 250 23.25 23.99 5.94
CA LYS A 250 22.86 25.27 6.54
C LYS A 250 21.37 25.30 6.90
N ILE A 251 20.53 24.81 5.99
CA ILE A 251 19.09 24.68 6.21
C ILE A 251 18.78 23.96 7.52
N LEU A 252 19.44 22.82 7.73
CA LEU A 252 19.20 22.00 8.92
C LEU A 252 19.75 22.63 10.20
N GLU A 253 20.83 23.42 10.09
CA GLU A 253 21.33 24.23 11.21
C GLU A 253 20.26 25.18 11.71
N ASP A 254 19.63 25.91 10.78
CA ASP A 254 18.56 26.84 11.08
C ASP A 254 17.29 26.13 11.56
N PHE A 255 16.92 25.06 10.86
CA PHE A 255 15.75 24.26 11.20
C PHE A 255 15.82 23.72 12.62
N LEU A 256 16.98 23.18 12.97
CA LEU A 256 17.26 22.67 14.32
C LEU A 256 17.07 23.75 15.39
N ASN A 257 17.26 25.02 15.01
CA ASN A 257 17.05 26.12 15.94
C ASN A 257 15.59 26.52 16.20
N THR A 258 14.63 25.94 15.48
CA THR A 258 13.22 26.32 15.63
C THR A 258 12.60 25.81 16.93
N ASN A 259 12.85 24.54 17.27
CA ASN A 259 12.49 24.00 18.60
C ASN A 259 13.28 22.74 18.94
N SER A 260 13.34 22.41 20.22
CA SER A 260 14.16 21.29 20.72
C SER A 260 13.67 19.92 20.25
N GLU A 261 12.39 19.80 19.96
CA GLU A 261 11.82 18.54 19.45
C GLU A 261 12.45 18.17 18.12
N ILE A 262 12.57 19.14 17.22
CA ILE A 262 13.18 18.95 15.90
C ILE A 262 14.62 18.46 16.04
N LYS A 263 15.35 19.07 16.98
CA LYS A 263 16.74 18.70 17.24
C LYS A 263 16.86 17.20 17.54
N ASN A 264 16.04 16.73 18.48
CA ASN A 264 16.05 15.32 18.88
C ASN A 264 15.61 14.38 17.78
N LEU A 265 14.65 14.80 16.97
CA LEU A 265 14.19 14.01 15.83
C LEU A 265 15.27 13.85 14.74
N ILE A 266 15.90 14.95 14.32
CA ILE A 266 16.84 14.85 13.19
C ILE A 266 18.15 14.17 13.57
N ASN A 267 18.46 14.14 14.86
CA ASN A 267 19.67 13.46 15.32
C ASN A 267 19.50 11.94 15.46
N GLU A 268 18.26 11.48 15.39
CA GLU A 268 17.95 10.06 15.53
C GLU A 268 18.07 9.32 14.18
N LYS A 269 18.39 8.03 14.25
CA LYS A 269 18.49 7.21 13.05
C LYS A 269 17.14 7.08 12.35
N VAL A 270 17.16 7.21 11.02
CA VAL A 270 15.97 7.17 10.21
C VAL A 270 15.00 6.05 10.60
N PHE A 271 15.50 4.82 10.67
CA PHE A 271 14.63 3.66 10.87
C PHE A 271 14.07 3.57 12.29
N LYS A 272 14.58 4.42 13.18
CA LYS A 272 14.11 4.43 14.55
C LYS A 272 12.93 5.39 14.79
N LEU A 273 12.70 6.30 13.87
CA LEU A 273 11.57 7.22 13.98
C LEU A 273 10.25 6.50 13.70
N SER A 274 9.26 6.73 14.57
CA SER A 274 7.90 6.27 14.34
C SER A 274 7.30 6.97 13.12
N VAL A 275 6.29 6.34 12.53
CA VAL A 275 5.50 6.93 11.43
C VAL A 275 4.96 8.31 11.84
N LYS A 276 4.41 8.40 13.05
CA LYS A 276 3.94 9.66 13.62
C LYS A 276 5.01 10.75 13.54
N ASP A 277 6.23 10.42 13.99
CA ASP A 277 7.31 11.39 14.05
C ASP A 277 7.82 11.78 12.66
N ILE A 278 7.90 10.80 11.76
CA ILE A 278 8.30 11.09 10.38
C ILE A 278 7.31 12.03 9.67
N VAL A 279 6.01 11.78 9.83
CA VAL A 279 4.97 12.64 9.26
C VAL A 279 5.07 14.06 9.81
N ASN A 280 5.11 14.17 11.14
CA ASN A 280 5.24 15.48 11.80
C ASN A 280 6.51 16.22 11.39
N LEU A 281 7.64 15.50 11.36
CA LEU A 281 8.91 16.10 10.96
C LEU A 281 8.86 16.67 9.55
N SER A 282 8.46 15.86 8.59
CA SER A 282 8.30 16.31 7.21
C SER A 282 7.31 17.48 7.08
N ASN A 283 6.18 17.42 7.78
CA ASN A 283 5.23 18.55 7.83
C ASN A 283 5.89 19.85 8.27
N GLU A 284 6.69 19.78 9.34
CA GLU A 284 7.35 20.98 9.89
C GLU A 284 8.43 21.47 8.94
N PHE A 285 9.17 20.54 8.36
CA PHE A 285 10.24 20.86 7.43
C PHE A 285 9.68 21.53 6.16
N TYR A 286 8.59 20.99 5.64
CA TYR A 286 7.87 21.59 4.51
C TYR A 286 7.52 23.04 4.81
N ARG A 287 6.87 23.29 5.95
CA ARG A 287 6.49 24.64 6.35
C ARG A 287 7.71 25.53 6.51
N PHE A 288 8.77 25.01 7.14
CA PHE A 288 10.02 25.72 7.30
C PHE A 288 10.60 26.16 5.95
N LEU A 289 10.66 25.22 5.01
CA LEU A 289 11.20 25.48 3.68
C LEU A 289 10.34 26.43 2.84
N GLN A 290 9.02 26.36 2.99
CA GLN A 290 8.11 27.27 2.28
C GLN A 290 8.25 28.71 2.78
N ASN A 291 8.51 28.85 4.07
CA ASN A 291 8.74 30.16 4.68
C ASN A 291 10.15 30.66 4.36
N ARG A 292 10.97 29.78 3.79
CA ARG A 292 12.32 30.12 3.37
C ARG A 292 12.43 30.07 1.84
N SAH B . -7.54 -13.93 -8.19
CA SAH B . -7.22 -15.25 -8.81
CB SAH B . -6.00 -15.16 -9.74
CG SAH B . -4.73 -14.53 -9.20
SD SAH B . -3.31 -14.93 -10.24
C SAH B . -7.01 -16.33 -7.76
O SAH B . -6.87 -17.52 -8.09
OXT SAH B . -6.99 -16.05 -6.57
C5' SAH B . -3.27 -13.25 -10.95
C4' SAH B . -4.35 -12.92 -11.99
O4' SAH B . -4.22 -11.56 -12.39
C3' SAH B . -4.29 -13.72 -13.28
O3' SAH B . -5.62 -13.97 -13.69
C2' SAH B . -3.59 -12.81 -14.28
O2' SAH B . -3.96 -13.01 -15.62
C1' SAH B . -4.05 -11.45 -13.79
N9 SAH B . -3.12 -10.34 -14.01
C8 SAH B . -1.75 -10.36 -14.05
N7 SAH B . -1.32 -9.10 -14.24
C5 SAH B . -2.39 -8.27 -14.30
C6 SAH B . -2.52 -6.89 -14.48
N6 SAH B . -1.45 -6.11 -14.63
N1 SAH B . -3.79 -6.34 -14.51
C2 SAH B . -4.91 -7.12 -14.36
N3 SAH B . -4.77 -8.48 -14.19
C4 SAH B . -3.54 -9.03 -14.16
#